data_6FBE
#
_entry.id   6FBE
#
_cell.length_a   108.480
_cell.length_b   108.480
_cell.length_c   90.309
_cell.angle_alpha   90.00
_cell.angle_beta   90.00
_cell.angle_gamma   120.00
#
_symmetry.space_group_name_H-M   'P 31 2 1'
#
loop_
_entity.id
_entity.type
_entity.pdbx_description
1 polymer 'DNA polymerase I, thermostable'
2 polymer "DNA (5'-D(*GP*AP*CP*CP*AP*CP*GP*CP*AP*(OH3)P*CP*C)-3')"
3 polymer "DNA (5'-D(*AP*AP*AP*CP*GP*GP*GP*TP*GP*CP*GP*TP*GP*GP*TP*C)-3')"
4 non-polymer 'MANGANESE (II) ION'
5 non-polymer 1,2-ETHANEDIOL
6 non-polymer "2'-deoxy-5'-O-[(R)-hydroxy{[(R)-hydroxy(phosphonooxy)phosphoryl]amino}phosphoryl]guanosine"
7 non-polymer 'MAGNESIUM ION'
8 water water
#
loop_
_entity_poly.entity_id
_entity_poly.type
_entity_poly.pdbx_seq_one_letter_code
_entity_poly.pdbx_strand_id
1 'polypeptide(L)'
;MALEEAPWPPPEGAFVGFVLSRKEPMWADLLALAAARGGRVHRAPEPYKALRDLKEARGLLAKDLSVLALREGLGLPPGD
DPMLLAYLLDPSNTTPEGVARRYGGEWTEEAGERAALSERLFANLWGRLEGEERLLWLYREVERPLSAVLAHMEATGVRL
DVAYLRALSLEVAEEIARLEAEVFRLAGHPFNLNSRDQLERVLFDELGLPAIGKTEKTGKRSTSAAVLEALREAHPIVEK
ILQYRELTKLKSTYIDPLPDLIHPRTGRLHTRFNQTATATGRLSSSDPNLQNIPVRTPLGQRIRRAFIAEEGWLLVALDY
SQIELRVLAHLSGDENLIRVFQEGRDIHTETASWMFGVPREAVDPLMRRAAKTINFGVLYGMSAHRLSQELAIPYEEAQA
FIERYFQSFPKVRAWIEKTLEEGRRRGYVETLFGRRRYVPDLEARVKSVREAAERMAFNMPVQGTAADLMKLAMVKLFPR
LEEMGARMLLQVHDELVLEAPKERAEAVARLAKEVMEGVYPLAVPLEVEVGIGEDWLSAKE
;
A
2 'polydeoxyribonucleotide' (DG)(DA)(DC)(DC)(DA)(DC)(DG)(DC)(DA)(D4B)(DC)(DC) B
3 'polydeoxyribonucleotide' (DA)(DA)(DA)(DC)(DG)(DG)(DG)(DT)(DG)(DC)(DG)(DT)(DG)(DG)(DT)(DC) C
#
loop_
_chem_comp.id
_chem_comp.type
_chem_comp.name
_chem_comp.formula
D4B DNA linking '[(2~{R},3~{S},5~{R})-5-[4-azanyl-5-[2-(4-ethynylphenyl)ethynyl]-2-oxidanylidene-pyrimidin-1-yl]-3-oxidanyl-oxolan-2-yl]methyl dihydrogen phosphate' 'C19 H18 N3 O7 P'
DA DNA linking 2'-DEOXYADENOSINE-5'-MONOPHOSPHATE 'C10 H14 N5 O6 P'
DC DNA linking 2'-DEOXYCYTIDINE-5'-MONOPHOSPHATE 'C9 H14 N3 O7 P'
DG DNA linking 2'-DEOXYGUANOSINE-5'-MONOPHOSPHATE 'C10 H14 N5 O7 P'
DT DNA linking THYMIDINE-5'-MONOPHOSPHATE 'C10 H15 N2 O8 P'
EDO non-polymer 1,2-ETHANEDIOL 'C2 H6 O2'
MG non-polymer 'MAGNESIUM ION' 'Mg 2'
MN non-polymer 'MANGANESE (II) ION' 'Mn 2'
XG4 non-polymer 2'-deoxy-5'-O-[(R)-hydroxy{[(R)-hydroxy(phosphonooxy)phosphoryl]amino}phosphoryl]guanosine 'C10 H17 N6 O12 P3'
#
# COMPACT_ATOMS: atom_id res chain seq x y z
N LEU A 3 -16.50 25.66 25.38
CA LEU A 3 -15.62 26.72 24.92
C LEU A 3 -16.37 28.01 24.66
N GLU A 4 -15.69 29.13 24.84
CA GLU A 4 -16.28 30.45 24.62
C GLU A 4 -16.35 30.72 23.12
N GLU A 5 -17.55 30.96 22.61
CA GLU A 5 -17.70 31.27 21.20
C GLU A 5 -17.11 32.64 20.90
N ALA A 6 -16.33 32.72 19.83
CA ALA A 6 -15.62 33.94 19.48
C ALA A 6 -15.70 34.14 17.98
N PRO A 7 -15.60 35.37 17.50
CA PRO A 7 -15.72 35.62 16.06
C PRO A 7 -14.56 35.02 15.28
N TRP A 8 -14.87 34.54 14.08
CA TRP A 8 -13.84 34.23 13.11
C TRP A 8 -13.08 35.51 12.76
N PRO A 9 -11.76 35.44 12.52
CA PRO A 9 -10.86 34.31 12.47
C PRO A 9 -10.15 33.98 13.78
N PRO A 10 -9.56 32.78 13.85
CA PRO A 10 -8.83 32.39 15.04
C PRO A 10 -7.42 32.94 15.01
N PRO A 11 -6.74 33.02 16.15
CA PRO A 11 -5.33 33.39 16.14
C PRO A 11 -4.46 32.24 15.64
N GLU A 12 -3.23 32.58 15.28
CA GLU A 12 -2.30 31.58 14.75
C GLU A 12 -2.09 30.47 15.78
N GLY A 13 -2.00 29.24 15.28
CA GLY A 13 -1.78 28.08 16.12
C GLY A 13 -3.03 27.34 16.53
N ALA A 14 -4.21 27.82 16.15
CA ALA A 14 -5.45 27.19 16.56
C ALA A 14 -5.63 25.84 15.85
N PHE A 15 -6.41 24.97 16.48
CA PHE A 15 -6.74 23.65 15.93
C PHE A 15 -8.02 23.74 15.12
N VAL A 16 -8.00 23.14 13.94
CA VAL A 16 -9.12 23.24 13.00
C VAL A 16 -10.03 22.04 13.14
N GLY A 17 -11.32 22.28 12.90
CA GLY A 17 -12.27 21.22 12.65
C GLY A 17 -13.04 21.53 11.40
N PHE A 18 -13.46 20.48 10.71
CA PHE A 18 -14.10 20.68 9.41
C PHE A 18 -14.98 19.47 9.08
N VAL A 19 -15.99 19.72 8.26
CA VAL A 19 -16.94 18.70 7.85
C VAL A 19 -17.01 18.70 6.33
N LEU A 20 -16.87 17.52 5.74
CA LEU A 20 -16.91 17.32 4.29
C LEU A 20 -18.18 16.56 3.91
N SER A 21 -18.69 16.86 2.72
CA SER A 21 -19.86 16.16 2.21
C SER A 21 -19.59 14.68 1.95
N ARG A 22 -18.33 14.32 1.72
CA ARG A 22 -17.94 12.95 1.46
C ARG A 22 -16.47 12.81 1.82
N LYS A 23 -16.01 11.56 1.93
CA LYS A 23 -14.71 11.31 2.54
C LYS A 23 -13.54 11.77 1.67
N GLU A 24 -13.70 11.77 0.34
CA GLU A 24 -12.60 12.05 -0.57
C GLU A 24 -12.39 13.56 -0.69
N PRO A 25 -11.26 14.11 -0.21
CA PRO A 25 -11.13 15.58 -0.20
C PRO A 25 -11.08 16.20 -1.58
N MET A 26 -10.65 15.48 -2.62
CA MET A 26 -10.64 16.08 -3.95
C MET A 26 -12.05 16.25 -4.50
N TRP A 27 -13.03 15.52 -3.95
CA TRP A 27 -14.39 15.55 -4.46
C TRP A 27 -15.36 16.20 -3.48
N ALA A 28 -14.94 16.52 -2.28
CA ALA A 28 -15.86 16.91 -1.22
C ALA A 28 -16.24 18.38 -1.30
N ASP A 29 -17.46 18.66 -0.90
CA ASP A 29 -17.90 20.01 -0.56
C ASP A 29 -17.52 20.29 0.87
N LEU A 30 -16.87 21.43 1.11
CA LEU A 30 -16.51 21.83 2.46
C LEU A 30 -17.74 22.45 3.11
N LEU A 31 -18.37 21.70 4.00
CA LEU A 31 -19.66 22.13 4.55
C LEU A 31 -19.50 23.10 5.71
N ALA A 32 -18.44 22.95 6.50
CA ALA A 32 -18.27 23.78 7.67
C ALA A 32 -16.81 23.75 8.10
N LEU A 33 -16.39 24.81 8.78
CA LEU A 33 -15.01 24.99 9.21
C LEU A 33 -15.01 25.76 10.51
N ALA A 34 -14.14 25.35 11.42
CA ALA A 34 -14.06 25.99 12.73
C ALA A 34 -12.65 25.82 13.27
N ALA A 35 -12.35 26.55 14.34
CA ALA A 35 -11.04 26.47 14.95
C ALA A 35 -11.18 26.70 16.45
N ALA A 36 -10.25 26.15 17.21
CA ALA A 36 -10.28 26.20 18.67
C ALA A 36 -8.91 26.55 19.22
N ARG A 37 -8.90 27.42 20.24
CA ARG A 37 -7.66 27.84 20.87
C ARG A 37 -7.94 28.75 22.07
N GLY A 38 -7.14 28.63 23.12
CA GLY A 38 -7.19 29.57 24.21
C GLY A 38 -8.52 29.62 24.93
N GLY A 39 -9.25 28.51 24.95
CA GLY A 39 -10.56 28.49 25.57
C GLY A 39 -11.68 29.03 24.70
N ARG A 40 -11.44 29.24 23.42
CA ARG A 40 -12.42 29.80 22.51
C ARG A 40 -12.63 28.86 21.33
N VAL A 41 -13.80 28.98 20.71
CA VAL A 41 -14.13 28.28 19.48
C VAL A 41 -14.62 29.32 18.47
N HIS A 42 -14.03 29.29 17.27
CA HIS A 42 -14.36 30.23 16.21
C HIS A 42 -14.98 29.47 15.05
N ARG A 43 -16.21 29.83 14.67
CA ARG A 43 -16.90 29.18 13.58
C ARG A 43 -16.91 30.10 12.36
N ALA A 44 -16.56 29.53 11.21
CA ALA A 44 -16.47 30.32 9.98
C ALA A 44 -17.86 30.54 9.39
N PRO A 45 -18.25 31.79 9.11
CA PRO A 45 -19.58 31.99 8.49
C PRO A 45 -19.66 31.39 7.09
N GLU A 46 -18.59 31.46 6.32
CA GLU A 46 -18.52 30.83 5.01
C GLU A 46 -17.21 30.04 4.93
N PRO A 47 -17.26 28.71 4.92
CA PRO A 47 -16.01 27.95 5.11
C PRO A 47 -14.98 28.11 4.00
N TYR A 48 -15.41 28.23 2.73
CA TYR A 48 -14.43 28.30 1.65
C TYR A 48 -13.58 29.56 1.76
N LYS A 49 -14.22 30.72 1.87
CA LYS A 49 -13.46 31.95 2.05
C LYS A 49 -12.63 31.91 3.32
N ALA A 50 -13.14 31.27 4.37
CA ALA A 50 -12.44 31.23 5.64
C ALA A 50 -11.12 30.45 5.55
N LEU A 51 -11.03 29.50 4.63
CA LEU A 51 -9.76 28.78 4.44
C LEU A 51 -8.59 29.73 4.25
N ARG A 52 -8.84 30.88 3.60
CA ARG A 52 -7.76 31.82 3.32
C ARG A 52 -7.15 32.38 4.60
N ASP A 53 -7.87 32.33 5.72
CA ASP A 53 -7.38 32.93 6.96
C ASP A 53 -6.43 32.02 7.74
N LEU A 54 -6.37 30.73 7.40
CA LEU A 54 -5.53 29.79 8.12
C LEU A 54 -4.13 29.75 7.52
N LYS A 55 -3.12 29.69 8.39
CA LYS A 55 -1.75 29.51 7.96
C LYS A 55 -1.37 28.03 7.86
N GLU A 56 -2.14 27.16 8.50
CA GLU A 56 -1.80 25.75 8.64
C GLU A 56 -3.06 25.00 9.04
N ALA A 57 -3.20 23.77 8.54
CA ALA A 57 -4.26 22.86 8.98
C ALA A 57 -3.72 22.03 10.14
N ARG A 58 -4.17 22.33 11.34
CA ARG A 58 -3.70 21.69 12.56
C ARG A 58 -4.89 21.02 13.24
N GLY A 59 -4.93 19.69 13.22
CA GLY A 59 -6.02 18.98 13.85
C GLY A 59 -6.24 17.62 13.23
N LEU A 60 -7.34 16.99 13.64
CA LEU A 60 -7.69 15.67 13.11
C LEU A 60 -7.84 15.71 11.60
N LEU A 61 -7.26 14.72 10.92
CA LEU A 61 -7.35 14.58 9.46
C LEU A 61 -6.84 15.83 8.74
N ALA A 62 -5.78 16.44 9.28
CA ALA A 62 -5.26 17.69 8.73
C ALA A 62 -4.96 17.56 7.23
N LYS A 63 -4.37 16.45 6.82
CA LYS A 63 -3.99 16.28 5.41
C LYS A 63 -5.19 16.46 4.49
N ASP A 64 -6.35 15.90 4.86
CA ASP A 64 -7.51 15.99 3.99
C ASP A 64 -7.95 17.43 3.77
N LEU A 65 -7.93 18.25 4.82
CA LEU A 65 -8.25 19.66 4.63
C LEU A 65 -7.20 20.33 3.74
N SER A 66 -5.93 19.97 3.93
N SER A 66 -5.93 19.97 3.93
CA SER A 66 -4.87 20.52 3.09
CA SER A 66 -4.88 20.53 3.08
C SER A 66 -5.10 20.17 1.62
C SER A 66 -5.09 20.18 1.61
N VAL A 67 -5.47 18.93 1.34
CA VAL A 67 -5.73 18.52 -0.04
C VAL A 67 -6.85 19.37 -0.63
N LEU A 68 -7.92 19.58 0.12
CA LEU A 68 -9.02 20.39 -0.39
C LEU A 68 -8.57 21.83 -0.60
N ALA A 69 -7.76 22.35 0.32
CA ALA A 69 -7.21 23.70 0.15
C ALA A 69 -6.36 23.80 -1.12
N LEU A 70 -5.47 22.83 -1.34
CA LEU A 70 -4.66 22.83 -2.56
C LEU A 70 -5.55 22.75 -3.80
N ARG A 71 -6.61 21.94 -3.74
CA ARG A 71 -7.56 21.88 -4.85
C ARG A 71 -8.10 23.26 -5.19
N GLU A 72 -8.30 24.09 -4.17
CA GLU A 72 -8.84 25.43 -4.34
C GLU A 72 -7.76 26.48 -4.59
N GLY A 73 -6.53 26.05 -4.83
CA GLY A 73 -5.46 26.98 -5.15
C GLY A 73 -4.81 27.63 -3.97
N LEU A 74 -4.98 27.07 -2.77
CA LEU A 74 -4.42 27.63 -1.54
C LEU A 74 -3.34 26.69 -1.01
N GLY A 75 -2.16 27.26 -0.72
CA GLY A 75 -1.08 26.48 -0.15
C GLY A 75 -1.17 26.39 1.35
N LEU A 76 -2.09 25.57 1.85
CA LEU A 76 -2.33 25.41 3.27
C LEU A 76 -1.70 24.09 3.72
N PRO A 77 -0.53 24.11 4.36
CA PRO A 77 0.14 22.84 4.71
C PRO A 77 -0.48 22.22 5.94
N PRO A 78 -0.53 20.89 6.01
CA PRO A 78 -0.98 20.24 7.24
C PRO A 78 0.10 20.28 8.30
N GLY A 79 -0.32 20.45 9.55
CA GLY A 79 0.59 20.46 10.68
C GLY A 79 0.29 19.33 11.64
N ASP A 80 0.27 19.60 12.94
CA ASP A 80 -0.01 18.56 13.91
C ASP A 80 -1.35 17.89 13.60
N ASP A 81 -1.41 16.58 13.79
CA ASP A 81 -2.64 15.80 13.62
C ASP A 81 -2.67 14.75 14.73
N PRO A 82 -3.63 14.82 15.65
CA PRO A 82 -3.68 13.79 16.70
C PRO A 82 -3.75 12.36 16.18
N MET A 83 -4.29 12.15 14.96
CA MET A 83 -4.31 10.80 14.39
C MET A 83 -2.90 10.23 14.26
N LEU A 84 -1.94 11.05 13.85
CA LEU A 84 -0.57 10.57 13.68
C LEU A 84 0.07 10.22 15.02
N LEU A 85 -0.21 11.02 16.06
CA LEU A 85 0.29 10.69 17.39
C LEU A 85 -0.29 9.36 17.86
N ALA A 86 -1.61 9.21 17.75
CA ALA A 86 -2.27 7.98 18.19
C ALA A 86 -1.77 6.78 17.39
N TYR A 87 -1.59 6.96 16.07
CA TYR A 87 -1.13 5.87 15.21
C TYR A 87 0.26 5.40 15.61
N LEU A 88 1.14 6.33 16.01
CA LEU A 88 2.47 5.94 16.46
C LEU A 88 2.43 5.25 17.83
N LEU A 89 1.54 5.68 18.73
CA LEU A 89 1.41 4.98 20.01
C LEU A 89 0.94 3.55 19.82
N ASP A 90 0.06 3.32 18.84
CA ASP A 90 -0.57 2.03 18.62
C ASP A 90 -1.23 2.06 17.25
N PRO A 91 -0.68 1.35 16.26
CA PRO A 91 -1.23 1.47 14.89
C PRO A 91 -2.60 0.83 14.72
N SER A 92 -3.18 0.22 15.75
CA SER A 92 -4.61 -0.09 15.68
C SER A 92 -5.47 1.16 15.78
N ASN A 93 -4.89 2.30 16.14
CA ASN A 93 -5.58 3.58 16.13
C ASN A 93 -5.64 4.08 14.70
N THR A 94 -6.72 3.74 13.99
CA THR A 94 -6.83 4.05 12.57
C THR A 94 -7.97 5.00 12.22
N THR A 95 -8.92 5.23 13.12
CA THR A 95 -10.09 6.03 12.82
C THR A 95 -10.24 7.17 13.83
N PRO A 96 -10.78 8.32 13.41
CA PRO A 96 -11.07 9.37 14.39
C PRO A 96 -12.13 8.96 15.41
N GLU A 97 -13.09 8.14 15.01
CA GLU A 97 -14.08 7.63 15.98
C GLU A 97 -13.39 6.92 17.13
N GLY A 98 -12.48 6.00 16.82
CA GLY A 98 -11.83 5.21 17.86
C GLY A 98 -10.83 6.02 18.66
N VAL A 99 -10.05 6.87 17.98
CA VAL A 99 -9.07 7.69 18.68
C VAL A 99 -9.76 8.64 19.65
N ALA A 100 -10.86 9.26 19.23
CA ALA A 100 -11.61 10.14 20.12
C ALA A 100 -12.08 9.38 21.37
N ARG A 101 -12.75 8.24 21.18
CA ARG A 101 -13.26 7.50 22.34
C ARG A 101 -12.12 7.05 23.24
N ARG A 102 -10.95 6.79 22.67
CA ARG A 102 -9.85 6.24 23.45
C ARG A 102 -9.10 7.31 24.20
N TYR A 103 -9.00 8.53 23.67
CA TYR A 103 -8.10 9.54 24.22
C TYR A 103 -8.81 10.81 24.67
N GLY A 104 -10.14 10.84 24.68
CA GLY A 104 -10.84 11.82 25.49
C GLY A 104 -11.92 12.67 24.83
N GLY A 105 -12.69 12.12 23.91
CA GLY A 105 -13.79 12.86 23.35
C GLY A 105 -14.67 12.01 22.47
N GLU A 106 -15.46 12.67 21.62
CA GLU A 106 -16.38 12.01 20.72
C GLU A 106 -16.31 12.67 19.34
N TRP A 107 -16.15 11.86 18.32
CA TRP A 107 -16.12 12.32 16.93
C TRP A 107 -17.57 12.53 16.47
N THR A 108 -17.95 13.79 16.31
CA THR A 108 -19.30 14.17 15.91
C THR A 108 -19.28 14.67 14.47
N GLU A 109 -20.39 15.28 14.04
CA GLU A 109 -20.51 15.82 12.70
C GLU A 109 -20.58 17.35 12.70
N GLU A 110 -20.01 17.98 13.73
CA GLU A 110 -20.04 19.43 13.87
C GLU A 110 -18.62 19.97 13.91
N ALA A 111 -18.33 20.92 13.02
CA ALA A 111 -16.96 21.41 12.87
C ALA A 111 -16.43 21.99 14.17
N GLY A 112 -17.23 22.82 14.85
CA GLY A 112 -16.78 23.40 16.10
C GLY A 112 -16.39 22.34 17.12
N GLU A 113 -17.19 21.29 17.23
CA GLU A 113 -16.87 20.20 18.15
C GLU A 113 -15.63 19.45 17.68
N ARG A 114 -15.47 19.26 16.37
CA ARG A 114 -14.27 18.61 15.86
C ARG A 114 -13.03 19.44 16.14
N ALA A 115 -13.15 20.76 16.09
CA ALA A 115 -12.00 21.62 16.42
C ALA A 115 -11.65 21.50 17.89
N ALA A 116 -12.64 21.60 18.78
CA ALA A 116 -12.38 21.45 20.20
C ALA A 116 -11.82 20.06 20.50
N LEU A 117 -12.35 19.04 19.84
CA LEU A 117 -11.85 17.67 20.02
C LEU A 117 -10.40 17.57 19.58
N SER A 118 -10.05 18.15 18.43
CA SER A 118 -8.67 18.13 17.98
C SER A 118 -7.74 18.73 19.02
N GLU A 119 -8.13 19.86 19.60
CA GLU A 119 -7.28 20.52 20.60
C GLU A 119 -7.08 19.62 21.81
N ARG A 120 -8.18 19.03 22.31
CA ARG A 120 -8.11 18.23 23.53
C ARG A 120 -7.31 16.96 23.31
N LEU A 121 -7.55 16.27 22.19
CA LEU A 121 -6.81 15.04 21.90
C LEU A 121 -5.34 15.32 21.70
N PHE A 122 -4.99 16.44 21.07
CA PHE A 122 -3.58 16.74 20.89
C PHE A 122 -2.89 16.88 22.23
N ALA A 123 -3.50 17.63 23.16
CA ALA A 123 -2.92 17.79 24.48
C ALA A 123 -2.70 16.43 25.14
N ASN A 124 -3.71 15.57 25.11
CA ASN A 124 -3.61 14.30 25.82
C ASN A 124 -2.61 13.37 25.14
N LEU A 125 -2.67 13.26 23.81
CA LEU A 125 -1.76 12.38 23.09
C LEU A 125 -0.33 12.87 23.16
N TRP A 126 -0.11 14.18 23.09
CA TRP A 126 1.23 14.72 23.29
C TRP A 126 1.76 14.31 24.66
N GLY A 127 0.91 14.34 25.68
CA GLY A 127 1.34 13.90 27.01
C GLY A 127 1.71 12.44 27.04
N ARG A 128 0.96 11.60 26.32
CA ARG A 128 1.25 10.17 26.30
C ARG A 128 2.59 9.89 25.63
N LEU A 129 3.03 10.77 24.74
CA LEU A 129 4.29 10.59 24.03
C LEU A 129 5.48 11.21 24.77
N GLU A 130 5.25 11.80 25.95
CA GLU A 130 6.36 12.31 26.74
C GLU A 130 7.26 11.16 27.16
N GLY A 131 8.55 11.29 26.87
CA GLY A 131 9.51 10.26 27.16
C GLY A 131 9.63 9.19 26.10
N GLU A 132 8.74 9.18 25.11
CA GLU A 132 8.82 8.23 24.00
C GLU A 132 9.66 8.85 22.87
N GLU A 133 10.96 8.96 23.13
CA GLU A 133 11.82 9.76 22.27
C GLU A 133 11.86 9.22 20.84
N ARG A 134 11.81 7.90 20.67
CA ARG A 134 11.88 7.34 19.32
C ARG A 134 10.57 7.56 18.57
N LEU A 135 9.43 7.43 19.25
CA LEU A 135 8.16 7.73 18.61
C LEU A 135 8.06 9.21 18.27
N LEU A 136 8.59 10.08 19.14
CA LEU A 136 8.59 11.51 18.85
C LEU A 136 9.46 11.82 17.65
N TRP A 137 10.59 11.15 17.52
CA TRP A 137 11.42 11.32 16.32
C TRP A 137 10.65 10.94 15.07
N LEU A 138 9.94 9.80 15.11
CA LEU A 138 9.14 9.40 13.95
C LEU A 138 8.08 10.44 13.63
N TYR A 139 7.48 11.04 14.66
CA TYR A 139 6.45 12.04 14.43
C TYR A 139 7.03 13.28 13.78
N ARG A 140 8.10 13.82 14.36
CA ARG A 140 8.64 15.10 13.89
C ARG A 140 9.41 14.95 12.59
N GLU A 141 10.11 13.83 12.42
CA GLU A 141 11.00 13.66 11.27
C GLU A 141 10.39 12.87 10.12
N VAL A 142 9.34 12.08 10.37
CA VAL A 142 8.75 11.27 9.30
C VAL A 142 7.28 11.64 9.11
N GLU A 143 6.44 11.31 10.09
CA GLU A 143 5.00 11.33 9.84
C GLU A 143 4.47 12.75 9.62
N ARG A 144 4.79 13.69 10.51
CA ARG A 144 4.24 15.02 10.30
C ARG A 144 4.72 15.63 8.99
N PRO A 145 6.02 15.61 8.66
CA PRO A 145 6.42 16.12 7.32
C PRO A 145 5.81 15.32 6.18
N LEU A 146 5.69 14.00 6.32
CA LEU A 146 5.15 13.19 5.24
C LEU A 146 3.72 13.59 4.90
N SER A 147 2.94 14.01 5.89
CA SER A 147 1.55 14.37 5.61
C SER A 147 1.47 15.51 4.61
N ALA A 148 2.43 16.45 4.67
CA ALA A 148 2.45 17.54 3.68
C ALA A 148 2.83 17.02 2.29
N VAL A 149 3.78 16.09 2.23
CA VAL A 149 4.14 15.47 0.95
C VAL A 149 2.93 14.77 0.34
N LEU A 150 2.22 13.97 1.15
CA LEU A 150 1.07 13.21 0.66
C LEU A 150 -0.03 14.15 0.20
N ALA A 151 -0.23 15.27 0.90
CA ALA A 151 -1.24 16.23 0.47
C ALA A 151 -0.96 16.71 -0.94
N HIS A 152 0.31 17.04 -1.23
CA HIS A 152 0.65 17.49 -2.57
C HIS A 152 0.44 16.38 -3.59
N MET A 153 0.83 15.15 -3.26
CA MET A 153 0.66 14.05 -4.19
C MET A 153 -0.82 13.85 -4.53
N GLU A 154 -1.66 13.82 -3.50
CA GLU A 154 -3.10 13.62 -3.71
C GLU A 154 -3.69 14.70 -4.58
N ALA A 155 -3.30 15.96 -4.34
CA ALA A 155 -3.87 17.08 -5.08
C ALA A 155 -3.34 17.19 -6.49
N THR A 156 -2.18 16.58 -6.77
CA THR A 156 -1.60 16.63 -8.11
C THR A 156 -2.30 15.66 -9.07
N GLY A 157 -2.48 14.42 -8.64
CA GLY A 157 -3.09 13.41 -9.47
C GLY A 157 -2.16 12.90 -10.56
N VAL A 158 -2.67 11.93 -11.32
CA VAL A 158 -1.93 11.31 -12.41
C VAL A 158 -2.80 11.34 -13.66
N ARG A 159 -2.15 11.52 -14.81
CA ARG A 159 -2.85 11.55 -16.09
C ARG A 159 -3.18 10.13 -16.56
N LEU A 160 -4.35 9.99 -17.18
CA LEU A 160 -4.86 8.70 -17.63
C LEU A 160 -5.37 8.83 -19.06
N ASP A 161 -5.03 7.83 -19.90
CA ASP A 161 -5.52 7.78 -21.28
C ASP A 161 -6.93 7.19 -21.27
N VAL A 162 -7.90 8.08 -21.05
N VAL A 162 -7.94 8.05 -21.11
CA VAL A 162 -9.31 7.70 -20.96
CA VAL A 162 -9.30 7.56 -20.93
C VAL A 162 -9.74 6.98 -22.23
C VAL A 162 -9.86 7.00 -22.24
N ALA A 163 -9.58 7.63 -23.38
CA ALA A 163 -10.09 7.11 -24.64
C ALA A 163 -9.56 5.71 -24.89
N TYR A 164 -8.30 5.48 -24.53
CA TYR A 164 -7.68 4.16 -24.67
C TYR A 164 -8.42 3.13 -23.82
N LEU A 165 -8.74 3.48 -22.58
CA LEU A 165 -9.45 2.53 -21.72
C LEU A 165 -10.89 2.32 -22.16
N ARG A 166 -11.56 3.37 -22.66
CA ARG A 166 -12.91 3.19 -23.19
C ARG A 166 -12.90 2.18 -24.34
N ALA A 167 -11.96 2.32 -25.27
CA ALA A 167 -11.86 1.39 -26.38
C ALA A 167 -11.54 -0.01 -25.88
N LEU A 168 -10.63 -0.13 -24.91
CA LEU A 168 -10.27 -1.42 -24.36
C LEU A 168 -11.48 -2.10 -23.72
N SER A 169 -12.32 -1.35 -23.02
CA SER A 169 -13.51 -1.92 -22.42
C SER A 169 -14.35 -2.65 -23.47
N LEU A 170 -14.54 -2.04 -24.63
CA LEU A 170 -15.40 -2.66 -25.66
C LEU A 170 -14.80 -3.97 -26.16
N GLU A 171 -13.47 -4.01 -26.34
N GLU A 171 -13.47 -4.01 -26.34
CA GLU A 171 -12.82 -5.24 -26.80
CA GLU A 171 -12.80 -5.22 -26.78
C GLU A 171 -12.91 -6.34 -25.74
C GLU A 171 -12.91 -6.32 -25.74
N VAL A 172 -12.67 -5.99 -24.47
CA VAL A 172 -12.74 -6.98 -23.40
C VAL A 172 -14.16 -7.50 -23.25
N ALA A 173 -15.16 -6.64 -23.42
CA ALA A 173 -16.55 -7.07 -23.35
C ALA A 173 -16.85 -8.18 -24.36
N GLU A 174 -16.38 -8.00 -25.59
N GLU A 174 -16.33 -8.04 -25.58
CA GLU A 174 -16.56 -9.05 -26.60
CA GLU A 174 -16.59 -9.06 -26.59
C GLU A 174 -15.96 -10.36 -26.13
C GLU A 174 -15.89 -10.38 -26.26
N GLU A 175 -14.73 -10.32 -25.61
CA GLU A 175 -14.07 -11.55 -25.20
C GLU A 175 -14.76 -12.18 -24.00
N ILE A 176 -15.25 -11.35 -23.07
CA ILE A 176 -16.01 -11.89 -21.94
C ILE A 176 -17.23 -12.64 -22.45
N ALA A 177 -17.90 -12.10 -23.46
CA ALA A 177 -19.09 -12.75 -24.01
C ALA A 177 -18.74 -14.10 -24.62
N ARG A 178 -17.60 -14.17 -25.34
CA ARG A 178 -17.14 -15.45 -25.87
C ARG A 178 -16.93 -16.45 -24.74
N LEU A 179 -16.26 -16.02 -23.66
CA LEU A 179 -15.95 -16.94 -22.57
C LEU A 179 -17.21 -17.39 -21.85
N GLU A 180 -18.12 -16.46 -21.53
CA GLU A 180 -19.31 -16.83 -20.79
C GLU A 180 -20.21 -17.76 -21.60
N ALA A 181 -20.35 -17.49 -22.90
CA ALA A 181 -21.17 -18.35 -23.74
C ALA A 181 -20.63 -19.77 -23.74
N GLU A 182 -19.30 -19.92 -23.77
CA GLU A 182 -18.70 -21.26 -23.76
C GLU A 182 -18.90 -21.94 -22.41
N VAL A 183 -18.79 -21.17 -21.31
CA VAL A 183 -19.03 -21.74 -19.99
C VAL A 183 -20.46 -22.24 -19.87
N PHE A 184 -21.42 -21.45 -20.35
CA PHE A 184 -22.82 -21.86 -20.27
C PHE A 184 -23.08 -23.08 -21.15
N ARG A 185 -22.44 -23.15 -22.32
CA ARG A 185 -22.58 -24.34 -23.15
C ARG A 185 -22.06 -25.57 -22.40
N LEU A 186 -20.87 -25.46 -21.81
CA LEU A 186 -20.28 -26.60 -21.12
C LEU A 186 -21.09 -26.98 -19.88
N ALA A 187 -21.66 -25.99 -19.21
CA ALA A 187 -22.52 -26.28 -18.06
C ALA A 187 -23.84 -26.91 -18.48
N GLY A 188 -24.20 -26.81 -19.76
CA GLY A 188 -25.48 -27.28 -20.23
C GLY A 188 -26.63 -26.32 -20.00
N HIS A 189 -26.37 -25.15 -19.43
CA HIS A 189 -27.40 -24.18 -19.12
C HIS A 189 -26.74 -22.90 -18.64
N PRO A 190 -27.40 -21.76 -18.78
CA PRO A 190 -26.84 -20.52 -18.24
C PRO A 190 -27.12 -20.38 -16.75
N PHE A 191 -26.31 -19.53 -16.13
CA PHE A 191 -26.46 -19.15 -14.73
C PHE A 191 -25.68 -17.86 -14.54
N ASN A 192 -25.69 -17.32 -13.33
CA ASN A 192 -24.92 -16.12 -13.04
C ASN A 192 -23.49 -16.55 -12.76
N LEU A 193 -22.63 -16.46 -13.78
CA LEU A 193 -21.23 -16.84 -13.63
C LEU A 193 -20.49 -15.95 -12.65
N ASN A 194 -21.04 -14.77 -12.33
CA ASN A 194 -20.48 -13.91 -11.30
C ASN A 194 -20.80 -14.38 -9.89
N SER A 195 -21.72 -15.33 -9.74
CA SER A 195 -22.09 -15.83 -8.42
C SER A 195 -21.28 -17.08 -8.13
N ARG A 196 -20.37 -17.00 -7.17
CA ARG A 196 -19.58 -18.17 -6.83
C ARG A 196 -20.44 -19.25 -6.18
N ASP A 197 -21.57 -18.88 -5.55
CA ASP A 197 -22.48 -19.90 -5.03
C ASP A 197 -23.11 -20.70 -6.15
N GLN A 198 -23.52 -20.04 -7.23
CA GLN A 198 -24.08 -20.77 -8.36
C GLN A 198 -23.00 -21.61 -9.05
N LEU A 199 -21.80 -21.04 -9.21
CA LEU A 199 -20.72 -21.78 -9.85
C LEU A 199 -20.31 -23.01 -9.03
N GLU A 200 -20.30 -22.88 -7.70
CA GLU A 200 -19.97 -24.03 -6.85
C GLU A 200 -20.88 -25.21 -7.18
N ARG A 201 -22.19 -24.95 -7.27
CA ARG A 201 -23.13 -26.03 -7.55
C ARG A 201 -22.87 -26.64 -8.92
N VAL A 202 -22.58 -25.80 -9.92
CA VAL A 202 -22.33 -26.32 -11.26
C VAL A 202 -21.10 -27.22 -11.26
N LEU A 203 -20.02 -26.76 -10.64
CA LEU A 203 -18.76 -27.49 -10.74
C LEU A 203 -18.80 -28.79 -9.94
N PHE A 204 -19.24 -28.73 -8.69
CA PHE A 204 -19.07 -29.84 -7.78
C PHE A 204 -20.30 -30.73 -7.65
N ASP A 205 -21.50 -30.22 -7.93
CA ASP A 205 -22.71 -31.04 -7.91
C ASP A 205 -23.12 -31.51 -9.30
N GLU A 206 -23.14 -30.61 -10.28
CA GLU A 206 -23.63 -30.96 -11.61
C GLU A 206 -22.56 -31.66 -12.44
N LEU A 207 -21.36 -31.09 -12.53
CA LEU A 207 -20.27 -31.71 -13.25
C LEU A 207 -19.50 -32.71 -12.40
N GLY A 208 -19.77 -32.78 -11.10
CA GLY A 208 -19.14 -33.78 -10.26
C GLY A 208 -17.64 -33.65 -10.10
N LEU A 209 -17.10 -32.45 -10.28
CA LEU A 209 -15.67 -32.27 -10.10
C LEU A 209 -15.31 -32.41 -8.62
N PRO A 210 -14.08 -32.82 -8.32
CA PRO A 210 -13.69 -32.97 -6.91
C PRO A 210 -13.52 -31.62 -6.25
N ALA A 211 -14.07 -31.48 -5.04
CA ALA A 211 -13.83 -30.31 -4.23
C ALA A 211 -12.44 -30.40 -3.60
N ILE A 212 -11.72 -29.29 -3.61
CA ILE A 212 -10.34 -29.27 -3.16
C ILE A 212 -10.18 -28.55 -1.83
N GLY A 213 -11.01 -27.55 -1.54
CA GLY A 213 -10.87 -26.81 -0.30
C GLY A 213 -12.16 -26.10 0.03
N LYS A 214 -12.22 -25.63 1.27
CA LYS A 214 -13.40 -24.98 1.81
C LYS A 214 -13.12 -23.50 2.07
N THR A 215 -14.17 -22.68 2.04
CA THR A 215 -14.02 -21.26 2.30
C THR A 215 -14.01 -21.02 3.82
N GLU A 216 -13.47 -19.86 4.21
CA GLU A 216 -13.07 -19.65 5.60
C GLU A 216 -14.28 -19.50 6.53
N LYS A 217 -15.16 -18.55 6.23
CA LYS A 217 -16.20 -18.17 7.19
C LYS A 217 -17.41 -19.10 7.15
N THR A 218 -17.78 -19.61 5.97
CA THR A 218 -19.01 -20.36 5.82
C THR A 218 -18.80 -21.80 5.37
N GLY A 219 -17.57 -22.19 5.06
CA GLY A 219 -17.30 -23.59 4.75
C GLY A 219 -17.90 -24.08 3.45
N LYS A 220 -18.06 -23.18 2.48
CA LYS A 220 -18.51 -23.63 1.16
C LYS A 220 -17.32 -24.26 0.42
N ARG A 221 -17.64 -25.06 -0.59
CA ARG A 221 -16.61 -25.59 -1.47
C ARG A 221 -16.04 -24.45 -2.30
N SER A 222 -14.75 -24.18 -2.15
CA SER A 222 -14.14 -23.01 -2.77
C SER A 222 -14.07 -23.17 -4.29
N THR A 223 -14.17 -22.02 -4.98
CA THR A 223 -13.95 -21.93 -6.42
C THR A 223 -12.82 -20.97 -6.74
N SER A 224 -11.93 -20.71 -5.78
CA SER A 224 -10.89 -19.72 -5.95
C SER A 224 -9.86 -20.18 -6.98
N ALA A 225 -9.04 -19.22 -7.42
CA ALA A 225 -8.06 -19.49 -8.47
C ALA A 225 -7.18 -20.69 -8.11
N ALA A 226 -6.78 -20.81 -6.84
CA ALA A 226 -5.92 -21.90 -6.45
C ALA A 226 -6.61 -23.24 -6.65
N VAL A 227 -7.91 -23.29 -6.38
CA VAL A 227 -8.69 -24.52 -6.59
C VAL A 227 -8.88 -24.78 -8.07
N LEU A 228 -9.18 -23.74 -8.85
CA LEU A 228 -9.40 -23.91 -10.28
C LEU A 228 -8.12 -24.35 -10.98
N GLU A 229 -6.96 -23.82 -10.56
CA GLU A 229 -5.71 -24.19 -11.19
C GLU A 229 -5.41 -25.66 -10.98
N ALA A 230 -5.81 -26.22 -9.84
CA ALA A 230 -5.62 -27.65 -9.60
C ALA A 230 -6.59 -28.52 -10.40
N LEU A 231 -7.73 -27.95 -10.82
CA LEU A 231 -8.69 -28.65 -11.66
C LEU A 231 -8.53 -28.30 -13.13
N ARG A 232 -7.42 -27.66 -13.52
CA ARG A 232 -7.23 -27.25 -14.91
C ARG A 232 -7.47 -28.40 -15.88
N GLU A 233 -6.99 -29.59 -15.54
CA GLU A 233 -7.08 -30.75 -16.43
C GLU A 233 -8.31 -31.62 -16.18
N ALA A 234 -9.12 -31.29 -15.17
CA ALA A 234 -10.28 -32.13 -14.86
C ALA A 234 -11.42 -31.91 -15.84
N HIS A 235 -11.54 -30.71 -16.42
CA HIS A 235 -12.69 -30.39 -17.27
C HIS A 235 -12.39 -29.12 -18.06
N PRO A 236 -12.80 -29.02 -19.32
CA PRO A 236 -12.46 -27.83 -20.12
C PRO A 236 -13.10 -26.55 -19.61
N ILE A 237 -14.17 -26.63 -18.80
CA ILE A 237 -14.84 -25.42 -18.32
C ILE A 237 -13.92 -24.63 -17.40
N VAL A 238 -12.96 -25.30 -16.75
CA VAL A 238 -12.16 -24.64 -15.74
C VAL A 238 -11.29 -23.55 -16.36
N GLU A 239 -10.64 -23.86 -17.48
CA GLU A 239 -9.81 -22.86 -18.14
C GLU A 239 -10.62 -21.65 -18.54
N LYS A 240 -11.82 -21.86 -19.08
CA LYS A 240 -12.67 -20.74 -19.47
C LYS A 240 -13.07 -19.90 -18.27
N ILE A 241 -13.34 -20.55 -17.13
CA ILE A 241 -13.71 -19.82 -15.92
C ILE A 241 -12.55 -18.93 -15.46
N LEU A 242 -11.34 -19.47 -15.44
CA LEU A 242 -10.19 -18.69 -15.02
C LEU A 242 -9.99 -17.47 -15.92
N GLN A 243 -10.16 -17.63 -17.23
CA GLN A 243 -10.03 -16.49 -18.12
C GLN A 243 -11.15 -15.49 -17.89
N TYR A 244 -12.37 -15.97 -17.67
CA TYR A 244 -13.49 -15.09 -17.36
C TYR A 244 -13.20 -14.32 -16.07
N ARG A 245 -12.64 -15.00 -15.07
CA ARG A 245 -12.36 -14.36 -13.78
C ARG A 245 -11.35 -13.23 -13.94
N GLU A 246 -10.27 -13.46 -14.69
CA GLU A 246 -9.29 -12.40 -14.90
C GLU A 246 -9.92 -11.21 -15.62
N LEU A 247 -10.61 -11.46 -16.72
CA LEU A 247 -11.12 -10.36 -17.54
C LEU A 247 -12.15 -9.54 -16.78
N THR A 248 -13.07 -10.21 -16.07
CA THR A 248 -14.11 -9.47 -15.33
C THR A 248 -13.51 -8.71 -14.15
N LYS A 249 -12.52 -9.30 -13.47
CA LYS A 249 -11.84 -8.55 -12.42
C LYS A 249 -11.22 -7.28 -12.98
N LEU A 250 -10.48 -7.41 -14.09
CA LEU A 250 -9.76 -6.27 -14.62
C LEU A 250 -10.71 -5.23 -15.18
N LYS A 251 -11.76 -5.67 -15.86
CA LYS A 251 -12.73 -4.73 -16.44
C LYS A 251 -13.52 -4.02 -15.35
N SER A 252 -13.99 -4.77 -14.33
CA SER A 252 -14.86 -4.21 -13.30
C SER A 252 -14.10 -3.34 -12.32
N THR A 253 -12.82 -3.61 -12.08
CA THR A 253 -12.08 -2.88 -11.05
C THR A 253 -11.24 -1.75 -11.62
N TYR A 254 -10.78 -1.84 -12.87
CA TYR A 254 -9.85 -0.86 -13.42
C TYR A 254 -10.37 -0.24 -14.72
N ILE A 255 -10.64 -1.05 -15.75
CA ILE A 255 -10.89 -0.50 -17.09
C ILE A 255 -12.11 0.41 -17.07
N ASP A 256 -13.20 -0.04 -16.44
CA ASP A 256 -14.45 0.70 -16.52
C ASP A 256 -14.53 1.84 -15.51
N PRO A 257 -14.19 1.61 -14.23
CA PRO A 257 -14.41 2.68 -13.24
C PRO A 257 -13.41 3.83 -13.34
N LEU A 258 -12.15 3.58 -13.66
CA LEU A 258 -11.16 4.65 -13.57
C LEU A 258 -11.45 5.81 -14.52
N PRO A 259 -11.85 5.59 -15.78
CA PRO A 259 -12.16 6.75 -16.64
C PRO A 259 -13.25 7.64 -16.08
N ASP A 260 -14.18 7.09 -15.30
CA ASP A 260 -15.26 7.89 -14.72
C ASP A 260 -14.82 8.72 -13.53
N LEU A 261 -13.56 8.60 -13.10
CA LEU A 261 -13.08 9.29 -11.91
C LEU A 261 -12.13 10.44 -12.24
N ILE A 262 -12.05 10.86 -13.49
CA ILE A 262 -11.22 12.00 -13.84
C ILE A 262 -11.85 13.26 -13.27
N HIS A 263 -11.05 14.06 -12.59
CA HIS A 263 -11.55 15.25 -11.90
C HIS A 263 -11.77 16.37 -12.92
N PRO A 264 -12.92 17.05 -12.88
CA PRO A 264 -13.21 18.03 -13.94
C PRO A 264 -12.32 19.25 -13.94
N ARG A 265 -11.77 19.65 -12.80
CA ARG A 265 -10.92 20.84 -12.75
C ARG A 265 -9.48 20.52 -13.13
N THR A 266 -8.96 19.37 -12.71
CA THR A 266 -7.56 19.01 -12.96
C THR A 266 -7.36 18.18 -14.21
N GLY A 267 -8.39 17.47 -14.66
CA GLY A 267 -8.21 16.53 -15.76
C GLY A 267 -7.38 15.32 -15.41
N ARG A 268 -7.26 15.00 -14.13
CA ARG A 268 -6.42 13.91 -13.68
C ARG A 268 -7.18 13.02 -12.70
N LEU A 269 -6.53 11.89 -12.38
CA LEU A 269 -7.06 10.88 -11.47
C LEU A 269 -6.37 11.03 -10.12
N HIS A 270 -7.16 11.13 -9.05
CA HIS A 270 -6.63 11.43 -7.71
C HIS A 270 -6.95 10.32 -6.73
N THR A 271 -5.91 9.75 -6.14
CA THR A 271 -6.05 8.76 -5.08
C THR A 271 -5.92 9.43 -3.73
N ARG A 272 -6.17 8.65 -2.69
CA ARG A 272 -5.90 9.03 -1.31
C ARG A 272 -4.80 8.14 -0.77
N PHE A 273 -3.82 8.74 -0.08
CA PHE A 273 -2.76 8.00 0.60
C PHE A 273 -3.05 8.06 2.09
N ASN A 274 -3.61 6.96 2.60
CA ASN A 274 -4.02 6.85 3.99
C ASN A 274 -2.83 6.58 4.89
N GLN A 275 -2.61 7.48 5.85
CA GLN A 275 -1.39 7.47 6.65
C GLN A 275 -1.55 6.73 7.98
N THR A 276 -2.76 6.39 8.40
CA THR A 276 -2.98 5.69 9.67
C THR A 276 -3.92 4.50 9.43
N ALA A 277 -3.51 3.60 8.54
CA ALA A 277 -4.41 2.54 8.08
C ALA A 277 -3.85 1.13 8.19
N THR A 278 -2.55 0.94 8.37
CA THR A 278 -1.97 -0.40 8.41
C THR A 278 -1.30 -0.67 9.75
N ALA A 279 -1.19 -1.96 10.07
CA ALA A 279 -0.58 -2.39 11.33
C ALA A 279 0.94 -2.32 11.31
N THR A 280 1.56 -2.11 10.16
CA THR A 280 3.01 -2.16 10.05
C THR A 280 3.66 -0.82 9.80
N GLY A 281 2.88 0.22 9.48
CA GLY A 281 3.44 1.52 9.13
C GLY A 281 3.48 1.77 7.64
N ARG A 282 3.08 0.81 6.83
CA ARG A 282 2.86 1.08 5.42
C ARG A 282 1.74 2.10 5.25
N LEU A 283 1.79 2.81 4.14
CA LEU A 283 0.63 3.53 3.65
C LEU A 283 -0.37 2.57 3.04
N SER A 284 -1.61 3.02 2.88
CA SER A 284 -2.53 2.41 1.95
C SER A 284 -3.06 3.48 1.00
N SER A 285 -3.71 3.02 -0.06
CA SER A 285 -4.23 3.90 -1.10
C SER A 285 -5.66 3.49 -1.41
N SER A 286 -6.55 4.48 -1.58
CA SER A 286 -7.96 4.17 -1.79
C SER A 286 -8.65 5.29 -2.56
N ASP A 287 -9.79 4.93 -3.14
CA ASP A 287 -10.76 5.88 -3.69
C ASP A 287 -10.21 6.67 -4.88
N PRO A 288 -9.60 6.01 -5.88
CA PRO A 288 -9.35 4.58 -6.05
C PRO A 288 -7.99 4.18 -5.55
N ASN A 289 -7.83 2.89 -5.22
CA ASN A 289 -6.51 2.34 -4.92
C ASN A 289 -5.64 2.37 -6.16
N LEU A 290 -4.52 3.10 -6.09
CA LEU A 290 -3.55 3.13 -7.17
C LEU A 290 -2.28 2.36 -6.82
N GLN A 291 -2.34 1.54 -5.76
CA GLN A 291 -1.27 0.65 -5.37
C GLN A 291 -1.53 -0.80 -5.76
N ASN A 292 -2.64 -1.09 -6.45
CA ASN A 292 -2.89 -2.42 -6.98
C ASN A 292 -3.27 -2.36 -8.45
N ILE A 293 -2.71 -1.38 -9.20
CA ILE A 293 -2.93 -1.36 -10.64
C ILE A 293 -2.29 -2.60 -11.27
N PRO A 294 -2.96 -3.26 -12.22
CA PRO A 294 -2.40 -4.51 -12.78
C PRO A 294 -1.03 -4.31 -13.41
N VAL A 295 -0.26 -5.40 -13.44
CA VAL A 295 1.05 -5.38 -14.07
C VAL A 295 1.51 -6.76 -14.54
N ARG A 296 0.91 -7.84 -14.04
CA ARG A 296 1.51 -9.15 -14.25
C ARG A 296 1.17 -9.73 -15.63
N THR A 297 -0.11 -9.73 -16.01
CA THR A 297 -0.53 -10.41 -17.24
C THR A 297 -0.49 -9.44 -18.42
N PRO A 298 -0.59 -9.98 -19.64
CA PRO A 298 -0.64 -9.08 -20.81
C PRO A 298 -1.76 -8.07 -20.76
N LEU A 299 -2.97 -8.45 -20.37
CA LEU A 299 -4.04 -7.46 -20.26
C LEU A 299 -3.78 -6.49 -19.11
N GLY A 300 -3.21 -6.98 -18.02
CA GLY A 300 -2.86 -6.10 -16.92
C GLY A 300 -1.86 -5.05 -17.36
N GLN A 301 -0.92 -5.45 -18.21
CA GLN A 301 0.09 -4.52 -18.70
C GLN A 301 -0.53 -3.46 -19.62
N ARG A 302 -1.47 -3.87 -20.47
CA ARG A 302 -2.22 -2.90 -21.26
C ARG A 302 -2.90 -1.86 -20.38
N ILE A 303 -3.40 -2.27 -19.21
CA ILE A 303 -4.07 -1.32 -18.33
C ILE A 303 -3.06 -0.36 -17.72
N ARG A 304 -1.92 -0.89 -17.27
CA ARG A 304 -0.92 -0.02 -16.66
C ARG A 304 -0.39 1.01 -17.65
N ARG A 305 -0.35 0.69 -18.94
CA ARG A 305 0.10 1.65 -19.95
C ARG A 305 -0.82 2.87 -20.04
N ALA A 306 -2.02 2.79 -19.48
CA ALA A 306 -2.94 3.94 -19.55
C ALA A 306 -2.49 5.08 -18.65
N PHE A 307 -1.61 4.81 -17.70
CA PHE A 307 -1.08 5.83 -16.80
C PHE A 307 0.09 6.51 -17.49
N ILE A 308 -0.10 7.78 -17.88
CA ILE A 308 0.80 8.44 -18.81
C ILE A 308 1.28 9.77 -18.24
N ALA A 309 2.36 10.27 -18.82
CA ALA A 309 2.89 11.57 -18.46
C ALA A 309 2.13 12.66 -19.20
N GLU A 310 2.07 13.84 -18.58
CA GLU A 310 1.69 15.04 -19.29
C GLU A 310 2.56 15.22 -20.53
N GLU A 311 1.97 15.77 -21.59
CA GLU A 311 2.77 16.18 -22.74
C GLU A 311 3.88 17.13 -22.30
N GLY A 312 5.08 16.90 -22.82
CA GLY A 312 6.26 17.63 -22.41
C GLY A 312 6.96 17.08 -21.19
N TRP A 313 6.36 16.08 -20.54
CA TRP A 313 6.90 15.47 -19.33
C TRP A 313 7.18 14.00 -19.56
N LEU A 314 7.84 13.38 -18.59
CA LEU A 314 8.06 11.95 -18.58
C LEU A 314 7.82 11.42 -17.17
N LEU A 315 7.41 10.17 -17.09
CA LEU A 315 7.35 9.50 -15.81
C LEU A 315 8.71 8.91 -15.46
N VAL A 316 9.03 8.93 -14.18
CA VAL A 316 10.22 8.30 -13.63
C VAL A 316 9.77 7.33 -12.56
N ALA A 317 10.09 6.05 -12.72
CA ALA A 317 9.73 5.03 -11.75
C ALA A 317 10.98 4.49 -11.06
N LEU A 318 10.96 4.49 -9.72
CA LEU A 318 12.07 4.02 -8.92
C LEU A 318 11.57 2.96 -7.95
N ASP A 319 12.30 1.85 -7.83
CA ASP A 319 11.87 0.72 -7.01
C ASP A 319 13.06 0.10 -6.30
N TYR A 320 12.97 -0.03 -4.97
CA TYR A 320 14.06 -0.63 -4.21
C TYR A 320 14.24 -2.11 -4.56
N SER A 321 15.49 -2.50 -4.75
CA SER A 321 15.82 -3.89 -5.05
C SER A 321 15.70 -4.76 -3.79
N GLN A 322 14.93 -5.83 -3.88
CA GLN A 322 14.89 -6.89 -2.85
C GLN A 322 14.84 -6.30 -1.44
N ILE A 323 13.94 -5.33 -1.24
CA ILE A 323 14.12 -4.42 -0.10
C ILE A 323 14.01 -5.17 1.22
N GLU A 324 12.99 -6.02 1.38
CA GLU A 324 12.80 -6.63 2.70
C GLU A 324 13.90 -7.65 3.00
N LEU A 325 14.49 -8.26 1.98
CA LEU A 325 15.64 -9.13 2.22
C LEU A 325 16.85 -8.31 2.67
N ARG A 326 17.01 -7.10 2.12
CA ARG A 326 18.09 -6.25 2.57
C ARG A 326 17.86 -5.79 4.00
N VAL A 327 16.62 -5.41 4.32
CA VAL A 327 16.29 -5.00 5.68
C VAL A 327 16.53 -6.16 6.65
N LEU A 328 16.15 -7.37 6.26
CA LEU A 328 16.36 -8.53 7.11
C LEU A 328 17.85 -8.72 7.42
N ALA A 329 18.72 -8.48 6.45
CA ALA A 329 20.15 -8.60 6.70
C ALA A 329 20.59 -7.65 7.79
N HIS A 330 20.07 -6.41 7.77
CA HIS A 330 20.46 -5.42 8.76
C HIS A 330 19.92 -5.76 10.14
N LEU A 331 18.63 -6.10 10.22
CA LEU A 331 18.00 -6.37 11.51
C LEU A 331 18.61 -7.59 12.17
N SER A 332 18.83 -8.66 11.40
CA SER A 332 19.34 -9.90 11.98
C SER A 332 20.84 -9.87 12.17
N GLY A 333 21.56 -9.06 11.39
CA GLY A 333 23.00 -9.07 11.45
C GLY A 333 23.63 -10.34 10.94
N ASP A 334 22.88 -11.12 10.17
CA ASP A 334 23.41 -12.37 9.62
C ASP A 334 24.55 -12.07 8.66
N GLU A 335 25.73 -12.61 8.96
CA GLU A 335 26.91 -12.28 8.18
C GLU A 335 26.80 -12.78 6.74
N ASN A 336 26.22 -13.97 6.56
CA ASN A 336 26.12 -14.53 5.21
C ASN A 336 25.17 -13.70 4.34
N LEU A 337 24.00 -13.36 4.88
CA LEU A 337 23.05 -12.58 4.10
C LEU A 337 23.62 -11.20 3.77
N ILE A 338 24.33 -10.59 4.71
CA ILE A 338 25.00 -9.32 4.43
C ILE A 338 25.97 -9.51 3.26
N ARG A 339 26.71 -10.61 3.26
CA ARG A 339 27.67 -10.87 2.18
C ARG A 339 26.97 -11.04 0.84
N VAL A 340 25.76 -11.63 0.83
CA VAL A 340 25.05 -11.84 -0.43
C VAL A 340 24.89 -10.54 -1.19
N PHE A 341 24.52 -9.48 -0.49
CA PHE A 341 24.25 -8.21 -1.14
C PHE A 341 25.49 -7.37 -1.33
N GLN A 342 26.50 -7.53 -0.47
CA GLN A 342 27.79 -6.92 -0.73
C GLN A 342 28.40 -7.47 -2.02
N GLU A 343 28.02 -8.68 -2.41
CA GLU A 343 28.48 -9.30 -3.64
C GLU A 343 27.55 -9.03 -4.83
N GLY A 344 26.48 -8.25 -4.63
CA GLY A 344 25.61 -7.89 -5.73
C GLY A 344 24.77 -9.02 -6.26
N ARG A 345 24.44 -9.99 -5.41
CA ARG A 345 23.63 -11.13 -5.86
C ARG A 345 22.14 -10.77 -5.82
N ASP A 346 21.36 -11.55 -6.57
CA ASP A 346 19.92 -11.37 -6.67
C ASP A 346 19.25 -12.66 -6.24
N ILE A 347 18.68 -12.66 -5.04
CA ILE A 347 18.09 -13.89 -4.49
C ILE A 347 16.83 -14.28 -5.24
N HIS A 348 16.05 -13.32 -5.72
CA HIS A 348 14.87 -13.67 -6.50
C HIS A 348 15.26 -14.41 -7.78
N THR A 349 16.24 -13.86 -8.51
CA THR A 349 16.70 -14.52 -9.74
C THR A 349 17.26 -15.90 -9.43
N GLU A 350 17.98 -16.04 -8.33
CA GLU A 350 18.59 -17.33 -8.00
C GLU A 350 17.53 -18.37 -7.67
N THR A 351 16.51 -17.99 -6.90
CA THR A 351 15.40 -18.90 -6.64
C THR A 351 14.67 -19.24 -7.94
N ALA A 352 14.49 -18.25 -8.82
CA ALA A 352 13.82 -18.51 -10.09
C ALA A 352 14.61 -19.49 -10.93
N SER A 353 15.94 -19.34 -10.98
CA SER A 353 16.75 -20.29 -11.73
C SER A 353 16.51 -21.71 -11.25
N TRP A 354 16.42 -21.90 -9.93
CA TRP A 354 16.21 -23.24 -9.37
C TRP A 354 14.79 -23.73 -9.64
N MET A 355 13.79 -22.86 -9.48
CA MET A 355 12.40 -23.28 -9.68
C MET A 355 12.17 -23.79 -11.09
N PHE A 356 12.54 -23.00 -12.09
CA PHE A 356 12.25 -23.32 -13.48
C PHE A 356 13.37 -24.12 -14.15
N GLY A 357 14.49 -24.34 -13.46
CA GLY A 357 15.58 -25.10 -14.02
C GLY A 357 16.14 -24.49 -15.29
N VAL A 358 16.45 -23.20 -15.24
CA VAL A 358 17.03 -22.50 -16.39
C VAL A 358 18.12 -21.56 -15.90
N PRO A 359 19.05 -21.19 -16.78
CA PRO A 359 20.10 -20.25 -16.38
C PRO A 359 19.52 -18.90 -15.99
N ARG A 360 20.25 -18.18 -15.14
CA ARG A 360 19.81 -16.84 -14.73
C ARG A 360 19.58 -15.94 -15.92
N GLU A 361 20.28 -16.18 -17.04
CA GLU A 361 20.05 -15.40 -18.24
C GLU A 361 18.61 -15.55 -18.74
N ALA A 362 18.00 -16.71 -18.50
CA ALA A 362 16.72 -17.06 -19.10
C ALA A 362 15.54 -16.76 -18.18
N VAL A 363 15.76 -16.11 -17.05
CA VAL A 363 14.68 -15.82 -16.11
C VAL A 363 13.93 -14.58 -16.60
N ASP A 364 12.70 -14.77 -17.05
CA ASP A 364 11.86 -13.66 -17.50
C ASP A 364 11.15 -13.04 -16.29
N PRO A 365 10.48 -11.91 -16.48
CA PRO A 365 9.85 -11.25 -15.34
C PRO A 365 8.81 -12.10 -14.63
N LEU A 366 8.06 -12.94 -15.35
CA LEU A 366 7.08 -13.80 -14.68
C LEU A 366 7.77 -14.78 -13.74
N MET A 367 8.90 -15.34 -14.17
CA MET A 367 9.64 -16.27 -13.32
C MET A 367 10.14 -15.58 -12.06
N ARG A 368 10.73 -14.40 -12.21
CA ARG A 368 11.25 -13.70 -11.05
C ARG A 368 10.12 -13.32 -10.09
N ARG A 369 8.97 -12.92 -10.63
CA ARG A 369 7.82 -12.63 -9.79
C ARG A 369 7.40 -13.86 -8.99
N ALA A 370 7.30 -15.01 -9.65
CA ALA A 370 6.95 -16.24 -8.94
C ALA A 370 8.00 -16.57 -7.88
N ALA A 371 9.28 -16.34 -8.19
CA ALA A 371 10.33 -16.59 -7.21
C ALA A 371 10.23 -15.64 -6.04
N LYS A 372 9.86 -14.38 -6.29
CA LYS A 372 9.66 -13.43 -5.20
C LYS A 372 8.67 -13.97 -4.19
N THR A 373 7.53 -14.49 -4.68
CA THR A 373 6.51 -15.02 -3.79
C THR A 373 7.05 -16.18 -2.97
N ILE A 374 7.84 -17.05 -3.58
CA ILE A 374 8.42 -18.19 -2.88
C ILE A 374 9.36 -17.71 -1.78
N ASN A 375 10.24 -16.76 -2.12
CA ASN A 375 11.25 -16.31 -1.15
C ASN A 375 10.59 -15.68 0.08
N PHE A 376 9.61 -14.81 -0.14
CA PHE A 376 8.96 -14.19 1.01
C PHE A 376 7.99 -15.16 1.68
N GLY A 377 7.31 -15.98 0.90
CA GLY A 377 6.46 -17.01 1.49
C GLY A 377 7.23 -17.89 2.46
N VAL A 378 8.39 -18.38 2.03
CA VAL A 378 9.21 -19.22 2.91
C VAL A 378 9.70 -18.43 4.11
N LEU A 379 10.17 -17.19 3.89
CA LEU A 379 10.71 -16.41 5.00
C LEU A 379 9.69 -16.25 6.12
N TYR A 380 8.44 -15.93 5.78
CA TYR A 380 7.46 -15.55 6.77
C TYR A 380 6.57 -16.71 7.21
N GLY A 381 7.02 -17.94 6.99
CA GLY A 381 6.42 -19.10 7.61
C GLY A 381 5.56 -20.00 6.75
N MET A 382 5.72 -19.97 5.43
CA MET A 382 4.97 -20.89 4.58
C MET A 382 5.29 -22.34 4.95
N SER A 383 4.25 -23.16 4.96
CA SER A 383 4.40 -24.56 5.32
C SER A 383 5.06 -25.34 4.20
N ALA A 384 5.78 -26.40 4.57
CA ALA A 384 6.36 -27.29 3.57
C ALA A 384 5.27 -27.87 2.68
N HIS A 385 4.10 -28.16 3.25
CA HIS A 385 3.02 -28.74 2.45
C HIS A 385 2.58 -27.80 1.35
N ARG A 386 2.29 -26.54 1.70
CA ARG A 386 1.87 -25.58 0.68
C ARG A 386 3.00 -25.32 -0.32
N LEU A 387 4.23 -25.22 0.18
CA LEU A 387 5.36 -25.02 -0.71
C LEU A 387 5.46 -26.15 -1.73
N SER A 388 5.40 -27.41 -1.26
CA SER A 388 5.40 -28.54 -2.17
C SER A 388 4.29 -28.42 -3.19
N GLN A 389 3.11 -27.95 -2.76
CA GLN A 389 2.00 -27.80 -3.68
C GLN A 389 2.24 -26.65 -4.66
N GLU A 390 2.86 -25.56 -4.19
CA GLU A 390 3.07 -24.40 -5.04
C GLU A 390 4.02 -24.73 -6.20
N LEU A 391 5.06 -25.50 -5.93
CA LEU A 391 6.10 -25.79 -6.91
C LEU A 391 5.91 -27.11 -7.63
N ALA A 392 4.91 -27.91 -7.25
CA ALA A 392 4.70 -29.23 -7.84
C ALA A 392 5.94 -30.10 -7.69
N ILE A 393 6.37 -30.24 -6.44
CA ILE A 393 7.55 -31.04 -6.11
C ILE A 393 7.28 -31.82 -4.84
N PRO A 394 7.96 -32.95 -4.66
CA PRO A 394 7.67 -33.81 -3.50
C PRO A 394 7.83 -33.06 -2.19
N TYR A 395 7.10 -33.52 -1.17
CA TYR A 395 7.13 -32.88 0.13
C TYR A 395 8.54 -32.84 0.70
N GLU A 396 9.27 -33.95 0.60
CA GLU A 396 10.63 -33.99 1.12
C GLU A 396 11.51 -32.93 0.47
N GLU A 397 11.28 -32.64 -0.81
CA GLU A 397 12.06 -31.62 -1.49
C GLU A 397 11.72 -30.23 -0.98
N ALA A 398 10.41 -29.93 -0.88
CA ALA A 398 9.99 -28.63 -0.35
C ALA A 398 10.54 -28.42 1.06
N GLN A 399 10.47 -29.45 1.90
CA GLN A 399 11.02 -29.35 3.24
C GLN A 399 12.53 -29.13 3.22
N ALA A 400 13.22 -29.70 2.23
CA ALA A 400 14.67 -29.50 2.12
C ALA A 400 14.99 -28.09 1.65
N PHE A 401 14.18 -27.55 0.74
CA PHE A 401 14.37 -26.16 0.32
C PHE A 401 14.31 -25.22 1.52
N ILE A 402 13.30 -25.40 2.37
CA ILE A 402 13.14 -24.54 3.54
C ILE A 402 14.35 -24.66 4.46
N GLU A 403 14.79 -25.90 4.72
CA GLU A 403 15.97 -26.09 5.56
C GLU A 403 17.19 -25.38 4.98
N ARG A 404 17.41 -25.53 3.66
CA ARG A 404 18.54 -24.87 3.03
C ARG A 404 18.41 -23.35 3.11
N TYR A 405 17.19 -22.84 2.90
CA TYR A 405 16.94 -21.41 3.00
C TYR A 405 17.47 -20.84 4.33
N PHE A 406 17.04 -21.43 5.45
CA PHE A 406 17.40 -20.91 6.75
C PHE A 406 18.81 -21.29 7.16
N GLN A 407 19.25 -22.51 6.83
CA GLN A 407 20.62 -22.92 7.16
C GLN A 407 21.63 -21.95 6.57
N SER A 408 21.34 -21.41 5.37
CA SER A 408 22.24 -20.46 4.75
C SER A 408 22.43 -19.22 5.61
N PHE A 409 21.40 -18.83 6.37
CA PHE A 409 21.40 -17.56 7.10
C PHE A 409 20.99 -17.85 8.55
N PRO A 410 21.89 -18.40 9.34
CA PRO A 410 21.50 -18.91 10.67
C PRO A 410 21.01 -17.84 11.62
N LYS A 411 21.54 -16.61 11.55
CA LYS A 411 21.11 -15.58 12.50
C LYS A 411 19.68 -15.10 12.23
N VAL A 412 19.07 -15.50 11.10
CA VAL A 412 17.70 -15.11 10.82
C VAL A 412 16.75 -15.77 11.81
N ARG A 413 16.84 -17.09 11.94
CA ARG A 413 15.99 -17.80 12.89
C ARG A 413 16.25 -17.32 14.32
N ALA A 414 17.51 -17.06 14.65
CA ALA A 414 17.82 -16.48 15.95
C ALA A 414 17.15 -15.13 16.13
N TRP A 415 17.17 -14.29 15.08
CA TRP A 415 16.50 -13.01 15.16
C TRP A 415 14.99 -13.18 15.30
N ILE A 416 14.41 -14.15 14.58
CA ILE A 416 12.98 -14.40 14.69
C ILE A 416 12.62 -14.78 16.12
N GLU A 417 13.38 -15.72 16.71
N GLU A 417 13.38 -15.70 16.71
CA GLU A 417 13.09 -16.15 18.07
CA GLU A 417 13.05 -16.13 18.08
C GLU A 417 13.30 -15.02 19.07
C GLU A 417 13.30 -15.01 19.08
N LYS A 418 14.33 -14.20 18.86
CA LYS A 418 14.54 -13.05 19.73
C LYS A 418 13.38 -12.07 19.63
N THR A 419 12.92 -11.82 18.41
CA THR A 419 11.81 -10.90 18.19
C THR A 419 10.55 -11.40 18.89
N LEU A 420 10.25 -12.69 18.74
CA LEU A 420 9.04 -13.25 19.34
C LEU A 420 9.11 -13.24 20.87
N GLU A 421 10.26 -13.57 21.44
CA GLU A 421 10.37 -13.54 22.90
C GLU A 421 10.17 -12.13 23.43
N GLU A 422 10.77 -11.14 22.76
CA GLU A 422 10.58 -9.75 23.18
C GLU A 422 9.12 -9.32 23.04
N GLY A 423 8.48 -9.71 21.93
CA GLY A 423 7.08 -9.35 21.75
C GLY A 423 6.19 -9.96 22.81
N ARG A 424 6.49 -11.19 23.23
CA ARG A 424 5.72 -11.81 24.31
C ARG A 424 5.88 -11.04 25.61
N ARG A 425 7.11 -10.63 25.94
CA ARG A 425 7.36 -9.97 27.21
C ARG A 425 6.84 -8.55 27.22
N ARG A 426 7.08 -7.80 26.14
CA ARG A 426 6.66 -6.41 26.05
C ARG A 426 5.22 -6.27 25.58
N GLY A 427 4.72 -7.23 24.81
CA GLY A 427 3.44 -7.11 24.17
C GLY A 427 3.48 -6.44 22.81
N TYR A 428 4.65 -5.97 22.37
CA TYR A 428 4.76 -5.35 21.06
C TYR A 428 6.13 -5.67 20.46
N VAL A 429 6.18 -5.61 19.13
CA VAL A 429 7.42 -5.66 18.38
C VAL A 429 7.64 -4.29 17.76
N GLU A 430 8.82 -4.08 17.19
CA GLU A 430 9.13 -2.74 16.71
C GLU A 430 10.08 -2.80 15.52
N THR A 431 10.03 -1.73 14.71
CA THR A 431 10.92 -1.55 13.58
C THR A 431 12.28 -1.01 14.03
N LEU A 432 13.18 -0.86 13.06
CA LEU A 432 14.50 -0.30 13.33
C LEU A 432 14.41 1.08 13.99
N PHE A 433 13.40 1.85 13.63
CA PHE A 433 13.23 3.20 14.13
C PHE A 433 12.32 3.27 15.36
N GLY A 434 11.81 2.13 15.84
CA GLY A 434 11.00 2.12 17.03
C GLY A 434 9.50 2.17 16.82
N ARG A 435 9.02 2.14 15.58
CA ARG A 435 7.58 2.00 15.34
C ARG A 435 7.12 0.69 15.94
N ARG A 436 6.00 0.72 16.68
CA ARG A 436 5.53 -0.42 17.44
C ARG A 436 4.27 -1.02 16.82
N ARG A 437 4.15 -2.34 16.97
CA ARG A 437 2.89 -3.03 16.73
C ARG A 437 2.64 -3.94 17.92
N TYR A 438 1.46 -3.83 18.52
CA TYR A 438 1.10 -4.68 19.65
C TYR A 438 0.51 -5.98 19.14
N VAL A 439 1.03 -7.10 19.65
CA VAL A 439 0.61 -8.42 19.20
C VAL A 439 0.34 -9.28 20.43
N PRO A 440 -0.82 -9.10 21.07
CA PRO A 440 -1.07 -9.82 22.33
C PRO A 440 -1.27 -11.32 22.15
N ASP A 441 -1.59 -11.79 20.96
CA ASP A 441 -1.88 -13.22 20.77
C ASP A 441 -0.63 -14.09 20.76
N LEU A 442 0.56 -13.53 20.98
CA LEU A 442 1.76 -14.34 21.02
C LEU A 442 1.75 -15.36 22.17
N GLU A 443 0.89 -15.16 23.17
CA GLU A 443 0.78 -16.09 24.29
C GLU A 443 -0.55 -16.83 24.29
N ALA A 444 -1.25 -16.85 23.15
CA ALA A 444 -2.51 -17.56 23.07
C ALA A 444 -2.30 -19.06 23.23
N ARG A 445 -3.28 -19.71 23.85
CA ARG A 445 -3.21 -21.14 24.14
C ARG A 445 -3.69 -22.02 22.99
N VAL A 446 -4.25 -21.44 21.93
CA VAL A 446 -4.64 -22.17 20.73
C VAL A 446 -3.52 -22.01 19.71
N LYS A 447 -2.90 -23.12 19.32
CA LYS A 447 -1.69 -23.06 18.51
C LYS A 447 -1.91 -22.31 17.21
N SER A 448 -3.01 -22.58 16.51
CA SER A 448 -3.27 -21.89 15.25
C SER A 448 -3.28 -20.38 15.44
N VAL A 449 -3.96 -19.91 16.50
CA VAL A 449 -4.01 -18.48 16.76
C VAL A 449 -2.63 -17.94 17.13
N ARG A 450 -1.92 -18.66 17.99
CA ARG A 450 -0.60 -18.22 18.45
C ARG A 450 0.37 -18.12 17.27
N GLU A 451 0.42 -19.15 16.42
CA GLU A 451 1.38 -19.15 15.33
C GLU A 451 1.02 -18.12 14.25
N ALA A 452 -0.27 -17.86 14.04
CA ALA A 452 -0.64 -16.75 13.17
C ALA A 452 -0.14 -15.43 13.74
N ALA A 453 -0.32 -15.22 15.04
CA ALA A 453 0.21 -14.02 15.68
C ALA A 453 1.72 -13.94 15.53
N GLU A 454 2.42 -15.08 15.66
CA GLU A 454 3.87 -15.07 15.52
C GLU A 454 4.28 -14.60 14.14
N ARG A 455 3.63 -15.11 13.09
CA ARG A 455 3.97 -14.69 11.74
C ARG A 455 3.72 -13.20 11.53
N MET A 456 2.60 -12.70 12.05
CA MET A 456 2.37 -11.26 12.00
C MET A 456 3.47 -10.50 12.73
N ALA A 457 3.89 -11.03 13.89
CA ALA A 457 4.78 -10.28 14.78
C ALA A 457 6.17 -10.15 14.19
N PHE A 458 6.75 -11.24 13.68
CA PHE A 458 8.12 -11.09 13.19
C PHE A 458 8.17 -10.59 11.76
N ASN A 459 7.04 -10.56 11.05
CA ASN A 459 6.99 -9.86 9.77
C ASN A 459 7.08 -8.35 9.96
N MET A 460 6.44 -7.83 11.02
CA MET A 460 6.26 -6.39 11.12
C MET A 460 7.57 -5.61 11.19
N PRO A 461 8.58 -6.01 11.96
CA PRO A 461 9.83 -5.24 11.95
C PRO A 461 10.45 -5.13 10.58
N VAL A 462 10.31 -6.16 9.76
CA VAL A 462 10.90 -6.14 8.42
C VAL A 462 10.09 -5.25 7.50
N GLN A 463 8.80 -5.57 7.32
CA GLN A 463 7.95 -4.75 6.47
C GLN A 463 7.87 -3.32 6.98
N GLY A 464 7.84 -3.15 8.31
CA GLY A 464 7.72 -1.81 8.87
C GLY A 464 8.97 -0.99 8.71
N THR A 465 10.15 -1.60 8.87
CA THR A 465 11.39 -0.87 8.64
C THR A 465 11.48 -0.41 7.18
N ALA A 466 11.12 -1.28 6.25
CA ALA A 466 11.09 -0.91 4.85
C ALA A 466 10.13 0.26 4.61
N ALA A 467 9.01 0.27 5.32
CA ALA A 467 8.07 1.38 5.19
C ALA A 467 8.64 2.66 5.76
N ASP A 468 9.33 2.57 6.91
CA ASP A 468 9.98 3.74 7.49
C ASP A 468 10.99 4.34 6.51
N LEU A 469 11.81 3.49 5.91
CA LEU A 469 12.84 3.97 4.99
C LEU A 469 12.21 4.69 3.81
N MET A 470 11.18 4.12 3.20
N MET A 470 11.18 4.11 3.22
CA MET A 470 10.54 4.78 2.06
CA MET A 470 10.49 4.71 2.08
C MET A 470 9.92 6.10 2.48
C MET A 470 9.89 6.07 2.47
N LYS A 471 9.25 6.14 3.63
CA LYS A 471 8.65 7.39 4.10
C LYS A 471 9.72 8.45 4.31
N LEU A 472 10.82 8.09 4.97
CA LEU A 472 11.91 9.03 5.16
C LEU A 472 12.45 9.51 3.82
N ALA A 473 12.58 8.60 2.85
CA ALA A 473 13.08 8.99 1.54
C ALA A 473 12.14 9.97 0.85
N MET A 474 10.83 9.75 0.99
CA MET A 474 9.87 10.69 0.42
C MET A 474 10.02 12.08 1.04
N VAL A 475 10.21 12.13 2.36
CA VAL A 475 10.34 13.41 3.06
C VAL A 475 11.58 14.14 2.57
N LYS A 476 12.68 13.42 2.34
CA LYS A 476 13.92 14.05 1.87
C LYS A 476 13.82 14.43 0.40
N LEU A 477 13.17 13.60 -0.41
CA LEU A 477 13.16 13.81 -1.85
C LEU A 477 12.21 14.94 -2.26
N PHE A 478 11.08 15.08 -1.56
CA PHE A 478 10.07 16.03 -2.01
C PHE A 478 10.62 17.45 -2.21
N PRO A 479 11.33 18.07 -1.25
CA PRO A 479 11.84 19.43 -1.51
C PRO A 479 12.80 19.49 -2.68
N ARG A 480 13.57 18.43 -2.93
CA ARG A 480 14.49 18.45 -4.06
C ARG A 480 13.72 18.47 -5.38
N LEU A 481 12.62 17.73 -5.46
CA LEU A 481 11.81 17.73 -6.67
C LEU A 481 11.17 19.10 -6.91
N GLU A 482 10.63 19.70 -5.84
CA GLU A 482 10.05 21.03 -5.98
C GLU A 482 11.07 21.98 -6.60
N GLU A 483 12.32 21.91 -6.13
CA GLU A 483 13.36 22.81 -6.63
C GLU A 483 13.64 22.57 -8.11
N MET A 484 13.45 21.35 -8.59
CA MET A 484 13.71 21.00 -9.98
C MET A 484 12.48 21.11 -10.86
N GLY A 485 11.34 21.50 -10.30
CA GLY A 485 10.12 21.56 -11.10
C GLY A 485 9.55 20.20 -11.43
N ALA A 486 9.89 19.18 -10.67
CA ALA A 486 9.33 17.84 -10.84
C ALA A 486 8.30 17.56 -9.76
N ARG A 487 7.52 16.50 -9.99
CA ARG A 487 6.37 16.16 -9.15
C ARG A 487 6.50 14.73 -8.65
N MET A 488 6.09 14.51 -7.41
CA MET A 488 5.90 13.17 -6.87
C MET A 488 4.43 12.82 -7.05
N LEU A 489 4.16 11.70 -7.75
CA LEU A 489 2.79 11.30 -8.07
C LEU A 489 2.28 10.13 -7.24
N LEU A 490 3.03 9.03 -7.18
CA LEU A 490 2.53 7.82 -6.54
C LEU A 490 3.62 7.18 -5.71
N GLN A 491 3.19 6.49 -4.65
CA GLN A 491 4.05 5.59 -3.89
C GLN A 491 3.37 4.22 -3.90
N VAL A 492 4.16 3.17 -4.16
CA VAL A 492 3.63 1.81 -4.11
C VAL A 492 4.55 0.98 -3.22
N HIS A 493 4.65 1.39 -1.96
CA HIS A 493 5.30 0.68 -0.86
C HIS A 493 6.82 0.76 -0.87
N ASP A 494 7.47 0.29 -1.95
CA ASP A 494 8.90 0.48 -2.09
C ASP A 494 9.23 1.12 -3.44
N GLU A 495 8.26 1.82 -4.01
CA GLU A 495 8.37 2.39 -5.35
C GLU A 495 7.80 3.79 -5.34
N LEU A 496 8.42 4.68 -6.10
CA LEU A 496 7.87 6.00 -6.36
C LEU A 496 7.72 6.20 -7.86
N VAL A 497 6.66 6.90 -8.24
CA VAL A 497 6.45 7.34 -9.61
C VAL A 497 6.47 8.86 -9.59
N LEU A 498 7.42 9.44 -10.30
CA LEU A 498 7.57 10.88 -10.43
C LEU A 498 7.18 11.31 -11.84
N GLU A 499 6.93 12.61 -11.99
CA GLU A 499 6.69 13.24 -13.27
C GLU A 499 7.67 14.39 -13.40
N ALA A 500 8.42 14.43 -14.49
CA ALA A 500 9.44 15.46 -14.66
C ALA A 500 9.38 16.06 -16.05
N PRO A 501 9.69 17.35 -16.19
CA PRO A 501 9.83 17.91 -17.52
C PRO A 501 10.85 17.10 -18.32
N LYS A 502 10.55 16.91 -19.61
CA LYS A 502 11.42 16.09 -20.45
C LYS A 502 12.88 16.51 -20.34
N GLU A 503 13.15 17.81 -20.35
CA GLU A 503 14.53 18.29 -20.34
C GLU A 503 15.25 17.98 -19.03
N ARG A 504 14.52 17.67 -17.96
CA ARG A 504 15.16 17.41 -16.68
C ARG A 504 14.94 15.99 -16.17
N ALA A 505 14.30 15.13 -16.97
CA ALA A 505 13.91 13.82 -16.47
C ALA A 505 15.14 12.98 -16.10
N GLU A 506 16.20 13.04 -16.90
CA GLU A 506 17.40 12.27 -16.59
C GLU A 506 18.03 12.74 -15.28
N ALA A 507 18.15 14.06 -15.10
CA ALA A 507 18.71 14.58 -13.85
C ALA A 507 17.83 14.22 -12.66
N VAL A 508 16.51 14.26 -12.83
CA VAL A 508 15.61 13.90 -11.74
C VAL A 508 15.79 12.43 -11.37
N ALA A 509 15.86 11.56 -12.38
CA ALA A 509 16.03 10.14 -12.12
C ALA A 509 17.30 9.87 -11.32
N ARG A 510 18.42 10.49 -11.73
CA ARG A 510 19.68 10.29 -11.04
C ARG A 510 19.61 10.78 -9.61
N LEU A 511 19.03 11.97 -9.39
CA LEU A 511 18.97 12.52 -8.04
C LEU A 511 18.06 11.68 -7.15
N ALA A 512 16.87 11.33 -7.65
CA ALA A 512 15.94 10.55 -6.85
C ALA A 512 16.53 9.20 -6.46
N LYS A 513 17.25 8.56 -7.39
CA LYS A 513 17.89 7.30 -7.07
C LYS A 513 18.89 7.46 -5.94
N GLU A 514 19.70 8.53 -5.97
CA GLU A 514 20.71 8.75 -4.95
C GLU A 514 20.05 9.04 -3.60
N VAL A 515 18.99 9.85 -3.59
CA VAL A 515 18.28 10.13 -2.35
C VAL A 515 17.74 8.83 -1.75
N MET A 516 17.11 8.00 -2.57
CA MET A 516 16.51 6.78 -2.06
C MET A 516 17.58 5.81 -1.56
N GLU A 517 18.71 5.72 -2.27
CA GLU A 517 19.75 4.77 -1.87
C GLU A 517 20.47 5.20 -0.61
N GLY A 518 20.66 6.50 -0.40
CA GLY A 518 21.38 7.00 0.76
C GLY A 518 20.53 7.49 1.91
N VAL A 519 19.22 7.17 1.93
CA VAL A 519 18.33 7.77 2.91
C VAL A 519 18.77 7.45 4.33
N TYR A 520 19.14 6.20 4.58
CA TYR A 520 19.54 5.76 5.92
C TYR A 520 20.40 4.52 5.73
N PRO A 521 21.72 4.67 5.64
CA PRO A 521 22.56 3.52 5.31
C PRO A 521 22.42 2.39 6.32
N LEU A 522 22.38 1.17 5.80
CA LEU A 522 22.29 -0.05 6.59
C LEU A 522 23.60 -0.81 6.50
N ALA A 523 23.64 -2.00 7.12
CA ALA A 523 24.79 -2.88 6.96
C ALA A 523 24.93 -3.40 5.55
N VAL A 524 23.91 -3.20 4.71
N VAL A 524 23.93 -3.20 4.70
CA VAL A 524 23.90 -3.64 3.33
CA VAL A 524 23.94 -3.66 3.31
C VAL A 524 23.61 -2.44 2.44
C VAL A 524 23.56 -2.48 2.42
N PRO A 525 24.12 -2.37 1.22
CA PRO A 525 23.70 -1.28 0.32
C PRO A 525 22.25 -1.44 -0.09
N LEU A 526 21.56 -0.31 -0.17
CA LEU A 526 20.25 -0.25 -0.80
C LEU A 526 20.43 0.13 -2.26
N GLU A 527 19.93 -0.71 -3.16
CA GLU A 527 20.00 -0.45 -4.59
C GLU A 527 18.61 -0.14 -5.11
N VAL A 528 18.53 0.81 -6.02
CA VAL A 528 17.26 1.27 -6.58
C VAL A 528 17.32 1.14 -8.09
N GLU A 529 16.35 0.44 -8.66
CA GLU A 529 16.18 0.37 -10.09
C GLU A 529 15.34 1.55 -10.55
N VAL A 530 15.75 2.17 -11.65
N VAL A 530 15.76 2.22 -11.63
CA VAL A 530 15.14 3.39 -12.15
CA VAL A 530 15.08 3.42 -12.09
C VAL A 530 14.81 3.20 -13.62
C VAL A 530 14.88 3.35 -13.60
N GLY A 531 13.70 3.78 -14.05
CA GLY A 531 13.39 3.84 -15.47
C GLY A 531 12.61 5.10 -15.78
N ILE A 532 12.63 5.47 -17.06
CA ILE A 532 11.97 6.67 -17.56
C ILE A 532 11.12 6.30 -18.76
N GLY A 533 9.91 6.83 -18.84
CA GLY A 533 9.07 6.55 -20.00
C GLY A 533 7.83 7.40 -20.02
N GLU A 534 7.13 7.34 -21.16
CA GLU A 534 5.89 8.08 -21.36
C GLU A 534 4.73 7.47 -20.60
N ASP A 535 4.83 6.21 -20.19
CA ASP A 535 3.78 5.55 -19.44
C ASP A 535 4.42 4.73 -18.32
N TRP A 536 3.58 4.34 -17.36
CA TRP A 536 4.08 3.72 -16.14
C TRP A 536 4.76 2.39 -16.43
N LEU A 537 4.19 1.60 -17.34
CA LEU A 537 4.80 0.31 -17.68
C LEU A 537 6.17 0.52 -18.32
N SER A 538 6.25 1.43 -19.30
N SER A 538 6.25 1.43 -19.30
CA SER A 538 7.52 1.66 -19.98
CA SER A 538 7.53 1.67 -19.98
C SER A 538 8.57 2.24 -19.02
C SER A 538 8.56 2.27 -19.04
N ALA A 539 8.13 2.96 -17.98
CA ALA A 539 9.06 3.54 -17.03
C ALA A 539 9.64 2.51 -16.07
N LYS A 540 9.05 1.32 -15.99
CA LYS A 540 9.62 0.22 -15.21
C LYS A 540 10.46 -0.72 -16.05
N GLU A 541 11.01 -0.22 -17.15
CA GLU A 541 11.82 -1.03 -18.06
C GLU A 541 11.05 -2.26 -18.54
O D4B B 10 -6.29 -8.00 -8.96
C1' D4B B 10 -5.68 -7.19 -8.01
C10 D4B B 10 -4.54 -14.71 -7.46
C11 D4B B 10 -4.25 -16.05 -7.66
C12 D4B B 10 -4.15 -14.99 -5.07
C13 D4B B 10 -3.86 -16.33 -5.28
C14 D4B B 10 -3.91 -16.88 -6.57
C15 D4B B 10 -3.63 -18.23 -6.85
C16 D4B B 10 -3.42 -19.33 -7.21
C2 D4B B 10 -5.50 -7.48 -5.47
C2' D4B B 10 -4.22 -6.89 -8.52
C3' D4B B 10 -4.09 -7.89 -9.68
C4 D4B B 10 -5.35 -9.42 -6.90
C4' D4B B 10 -5.56 -7.86 -10.16
C5 D4B B 10 -5.20 -10.25 -5.76
C5' D4B B 10 -5.83 -9.11 -11.07
C6 D4B B 10 -5.25 -9.60 -4.47
C7 D4B B 10 -4.98 -11.62 -5.89
C8 D4B B 10 -4.76 -12.80 -6.00
C9 D4B B 10 -4.48 -14.17 -6.17
N1 D4B B 10 -5.37 -8.27 -4.32
N3 D4B B 10 -5.49 -8.08 -6.77
N6 D4B B 10 -5.18 -10.32 -3.31
O1 D4B B 10 -5.55 -10.26 -10.42
O2 D4B B 10 -5.58 -6.24 -5.38
OP1 D4B B 10 -6.16 -11.60 -12.42
O3' D4B B 10 -3.16 -7.53 -10.65
P D4B B 10 -6.33 -11.77 -10.92
OP2 D4B B 10 -5.45 -12.81 -10.27
H1' D4B B 10 -6.40 -6.37 -7.85
H2 D4B B 10 -4.78 -14.07 -8.30
H11 D4B B 10 -4.28 -16.47 -8.66
H14 D4B B 10 -4.11 -14.57 -4.07
H15 D4B B 10 -3.61 -16.98 -4.44
H16 D4B B 10 -3.22 -20.35 -7.54
H2'A D4B B 10 -3.44 -7.02 -7.79
H2'B D4B B 10 -4.18 -5.86 -8.87
H3' D4B B 10 -3.75 -8.88 -9.36
H4 D4B B 10 -5.34 -9.86 -7.90
H4' D4B B 10 -5.92 -6.94 -10.60
H5'B D4B B 10 -5.25 -9.00 -11.98
H5'A D4B B 10 -6.89 -9.04 -11.33
HN2 D4B B 10 -5.21 -9.85 -2.41
HN1 D4B B 10 -5.11 -11.33 -3.31
MN MN D . 7.99 -2.63 -5.69
MN MN E . 11.34 -3.66 -4.91
C1 EDO F . 4.53 19.59 18.37
O1 EDO F . 5.92 19.78 18.05
C2 EDO F . 3.81 20.92 18.44
O2 EDO F . 3.77 21.54 17.15
H11 EDO F . 4.46 19.08 19.33
H12 EDO F . 4.06 18.96 17.62
HO1 EDO F . 6.36 18.93 18.00
H21 EDO F . 4.33 21.59 19.15
H22 EDO F . 2.80 20.78 18.81
HO2 EDO F . 3.32 22.38 17.21
N1 XG4 G . 4.74 -11.70 0.53
C2 XG4 G . 5.28 -10.91 1.51
N2 XG4 G . 5.32 -11.40 2.74
N3 XG4 G . 5.79 -9.70 1.28
C4 XG4 G . 5.73 -9.34 -0.02
C5 XG4 G . 5.21 -10.06 -1.07
C6 XG4 G . 4.66 -11.36 -0.81
O6 XG4 G . 4.18 -12.14 -1.63
N7 XG4 G . 5.35 -9.35 -2.26
C8 XG4 G . 5.96 -8.24 -1.91
N9 XG4 G . 6.24 -8.19 -0.56
PA XG4 G . 8.66 -5.84 -4.70
PB XG4 G . 11.37 -6.77 -4.09
PG XG4 G . 12.64 -6.34 -6.65
C1' XG4 G . 7.08 -7.22 0.16
O1A XG4 G . 9.17 -4.52 -5.06
O1B XG4 G . 11.60 -5.43 -3.57
O1G XG4 G . 14.17 -6.33 -6.71
C2' XG4 G . 8.52 -7.69 0.27
O2A XG4 G . 7.59 -6.25 -5.77
O2B XG4 G . 11.63 -7.79 -2.93
O2G XG4 G . 12.01 -7.05 -7.82
C3' XG4 G . 9.20 -7.00 -0.91
O3' XG4 G . 10.59 -6.82 -0.64
N3A XG4 G . 9.84 -6.95 -4.63
O3B XG4 G . 12.31 -7.14 -5.31
O3G XG4 G . 12.07 -4.91 -6.46
C4' XG4 G . 8.45 -5.67 -0.94
O4' XG4 G . 7.09 -6.01 -0.58
C5' XG4 G . 8.48 -4.94 -2.26
O5' XG4 G . 7.97 -5.80 -3.30
HN1 XG4 G . 4.37 -12.61 0.77
HN2 XG4 G . 4.97 -12.33 2.99
HN2A XG4 G . 5.71 -10.85 3.50
H8 XG4 G . 6.22 -7.45 -2.61
H1' XG4 G . 6.60 -7.01 1.11
H2' XG4 G . 8.58 -8.78 0.21
H2'A XG4 G . 8.98 -7.45 1.22
H3' XG4 G . 9.06 -7.55 -1.84
HO3' XG4 G . 11.07 -7.32 -1.35
HN3A XG4 G . 9.61 -7.89 -4.95
H4' XG4 G . 8.80 -5.00 -0.14
H5' XG4 G . 9.49 -4.58 -2.47
H5'A XG4 G . 7.81 -4.09 -2.24
MG MG H . -14.19 -4.73 -31.07
C1 EDO I . -28.65 -5.95 -3.81
O1 EDO I . -28.92 -6.91 -2.79
C2 EDO I . -27.16 -5.94 -4.12
O2 EDO I . -26.72 -7.29 -4.35
H11 EDO I . -28.97 -4.96 -3.48
H12 EDO I . -29.21 -6.21 -4.71
HO1 EDO I . -29.86 -6.92 -2.58
H21 EDO I . -26.61 -5.51 -3.27
H22 EDO I . -26.97 -5.34 -5.00
HO2 EDO I . -25.78 -7.29 -4.54
#